data_7Z1D
#
_entry.id   7Z1D
#
_cell.length_a   62.410
_cell.length_b   65.080
_cell.length_c   82.900
_cell.angle_alpha   90.000
_cell.angle_beta   90.000
_cell.angle_gamma   90.000
#
_symmetry.space_group_name_H-M   'P 21 21 21'
#
loop_
_entity.id
_entity.type
_entity.pdbx_description
1 polymer 'Spike protein S1'
2 polymer 'H11-H6 nanobody'
3 non-polymer 2-acetamido-2-deoxy-beta-D-glucopyranose
4 non-polymer GLYCEROL
5 water water
#
loop_
_entity_poly.entity_id
_entity_poly.type
_entity_poly.pdbx_seq_one_letter_code
_entity_poly.pdbx_strand_id
1 'polypeptide(L)'
;PNITNLCPFGEVFNATRFASVYAWNRKRISNCVADYSVLYNSASFSTFKCYGVSPTKLNDLCFTNVYADSFVIRGDEVRQ
IAPGQTGKIADYNYKLPDDFTGCVIAWNSNNLDSKVGGNYNYLYRLFRKSNLKPFERDISTEIYQAGSTPCNGVEGFNCY
FPLQSYGFQPTNGVGYQPYRVVVLSFELLHAPATVCGPKKSTNKHHHHHH
;
EEE
2 'polypeptide(L)'
;QVQLVESGGGLMQAGGSLRLSCAVSGRTFSTAAMGWFRQAPGKEREFVAAIRWSGGSAYYADSVKGRFTISRDKAKNTVY
LQMNSLKYEDTAVYYCAGSKITRSLLSDYATWPYDYWGQGTQVTVSSKHHHHHH
;
FFF
#
loop_
_chem_comp.id
_chem_comp.type
_chem_comp.name
_chem_comp.formula
GOL non-polymer GLYCEROL 'C3 H8 O3'
NAG D-saccharide, beta linking 2-acetamido-2-deoxy-beta-D-glucopyranose 'C8 H15 N O6'
#
# COMPACT_ATOMS: atom_id res chain seq x y z
N ASN A 5 -28.44 15.85 16.90
CA ASN A 5 -27.73 14.87 17.79
C ASN A 5 -28.05 13.43 17.36
N LEU A 6 -28.38 13.21 16.08
CA LEU A 6 -28.37 11.86 15.46
C LEU A 6 -26.90 11.45 15.30
N CYS A 7 -26.52 10.25 15.75
CA CYS A 7 -25.11 9.81 15.69
C CYS A 7 -24.67 9.79 14.23
N PRO A 8 -23.47 10.34 13.92
CA PRO A 8 -22.99 10.47 12.54
C PRO A 8 -22.44 9.16 11.94
N PHE A 9 -23.22 8.09 11.98
CA PHE A 9 -22.81 6.78 11.40
C PHE A 9 -22.66 6.92 9.88
N GLY A 10 -23.46 7.79 9.25
CA GLY A 10 -23.35 8.09 7.81
C GLY A 10 -21.93 8.51 7.44
N GLU A 11 -21.30 9.38 8.23
CA GLU A 11 -19.94 9.92 7.98
C GLU A 11 -18.93 8.77 7.93
N VAL A 12 -19.18 7.70 8.71
CA VAL A 12 -18.27 6.52 8.79
C VAL A 12 -18.57 5.58 7.61
N PHE A 13 -19.82 5.12 7.52
CA PHE A 13 -20.18 4.05 6.55
C PHE A 13 -20.12 4.59 5.13
N ASN A 14 -20.44 5.86 4.94
CA ASN A 14 -20.59 6.48 3.60
C ASN A 14 -19.44 7.42 3.28
N ALA A 15 -18.34 7.36 4.03
CA ALA A 15 -17.10 8.11 3.73
C ALA A 15 -16.69 7.83 2.27
N THR A 16 -16.28 8.87 1.53
CA THR A 16 -15.78 8.72 0.14
C THR A 16 -14.55 7.82 0.14
N ARG A 17 -13.63 8.12 1.05
CA ARG A 17 -12.30 7.49 1.17
C ARG A 17 -12.27 6.62 2.43
N PHE A 18 -11.68 5.43 2.32
CA PHE A 18 -11.43 4.53 3.47
C PHE A 18 -9.92 4.36 3.65
N ALA A 19 -9.52 4.09 4.89
CA ALA A 19 -8.12 3.84 5.28
C ALA A 19 -7.62 2.49 4.74
N SER A 20 -6.32 2.41 4.48
CA SER A 20 -5.58 1.12 4.44
C SER A 20 -5.71 0.48 5.82
N VAL A 21 -5.77 -0.85 5.87
CA VAL A 21 -5.96 -1.59 7.13
C VAL A 21 -4.80 -1.33 8.10
N TYR A 22 -3.55 -1.20 7.65
CA TYR A 22 -2.40 -0.98 8.57
C TYR A 22 -2.57 0.39 9.25
N ALA A 23 -3.23 1.33 8.57
CA ALA A 23 -3.44 2.72 9.04
C ALA A 23 -4.92 2.93 9.33
N TRP A 24 -5.56 1.91 9.91
CA TRP A 24 -7.02 1.90 10.15
C TRP A 24 -7.47 3.16 10.90
N ASN A 25 -8.62 3.68 10.48
CA ASN A 25 -9.21 4.91 11.08
CA ASN A 25 -9.22 4.91 11.06
C ASN A 25 -10.08 4.55 12.28
N ARG A 26 -10.11 5.44 13.26
CA ARG A 26 -11.05 5.34 14.41
C ARG A 26 -11.80 6.66 14.54
N LYS A 27 -13.13 6.57 14.64
CA LYS A 27 -14.03 7.69 14.99
C LYS A 27 -14.67 7.39 16.34
N ARG A 28 -14.56 8.32 17.28
CA ARG A 28 -15.29 8.24 18.57
C ARG A 28 -16.66 8.86 18.38
N ILE A 29 -17.70 8.08 18.68
CA ILE A 29 -19.13 8.49 18.62
C ILE A 29 -19.60 8.70 20.07
N SER A 30 -20.09 9.89 20.39
CA SER A 30 -20.65 10.17 21.74
C SER A 30 -21.74 11.25 21.66
N ASN A 31 -22.57 11.31 22.70
CA ASN A 31 -23.50 12.45 22.93
C ASN A 31 -24.41 12.58 21.72
N CYS A 32 -25.10 11.48 21.37
CA CYS A 32 -26.02 11.42 20.21
C CYS A 32 -27.00 10.25 20.35
N VAL A 33 -28.06 10.28 19.55
CA VAL A 33 -29.07 9.18 19.45
C VAL A 33 -28.67 8.29 18.26
N ALA A 34 -28.43 7.01 18.53
CA ALA A 34 -28.00 6.00 17.54
C ALA A 34 -29.24 5.26 17.04
N ASP A 35 -29.54 5.32 15.74
CA ASP A 35 -30.57 4.44 15.13
C ASP A 35 -29.85 3.27 14.47
N TYR A 36 -29.68 2.17 15.20
CA TYR A 36 -28.93 0.98 14.75
C TYR A 36 -29.74 0.25 13.67
N SER A 37 -31.06 0.49 13.60
CA SER A 37 -31.95 -0.14 12.59
C SER A 37 -31.50 0.24 11.18
N VAL A 38 -30.94 1.43 10.98
CA VAL A 38 -30.41 1.88 9.66
C VAL A 38 -29.34 0.88 9.20
N LEU A 39 -28.59 0.32 10.15
CA LEU A 39 -27.52 -0.68 9.88
C LEU A 39 -28.11 -2.09 9.77
N TYR A 40 -28.81 -2.58 10.80
CA TYR A 40 -29.18 -4.02 10.87
C TYR A 40 -30.29 -4.34 9.87
N ASN A 41 -31.02 -3.35 9.36
CA ASN A 41 -32.07 -3.58 8.33
C ASN A 41 -31.51 -3.41 6.92
N SER A 42 -30.25 -2.99 6.78
CA SER A 42 -29.64 -2.72 5.45
C SER A 42 -29.39 -4.03 4.72
N ALA A 43 -29.70 -4.08 3.43
CA ALA A 43 -29.39 -5.22 2.54
C ALA A 43 -27.99 -5.04 1.92
N SER A 44 -27.27 -4.00 2.30
CA SER A 44 -25.97 -3.63 1.68
C SER A 44 -24.84 -4.51 2.23
N PHE A 45 -24.99 -5.09 3.42
CA PHE A 45 -23.87 -5.70 4.19
C PHE A 45 -23.82 -7.21 3.94
N SER A 46 -22.64 -7.72 3.60
CA SER A 46 -22.35 -9.16 3.37
C SER A 46 -21.96 -9.82 4.70
N THR A 47 -21.41 -9.05 5.65
CA THR A 47 -21.06 -9.50 7.02
C THR A 47 -21.69 -8.53 8.01
N PHE A 48 -22.35 -9.08 9.03
CA PHE A 48 -22.89 -8.31 10.17
C PHE A 48 -22.88 -9.25 11.36
N LYS A 49 -21.75 -9.28 12.07
CA LYS A 49 -21.48 -10.25 13.15
C LYS A 49 -21.27 -9.48 14.45
N CYS A 50 -22.10 -9.73 15.44
CA CYS A 50 -22.03 -9.07 16.77
C CYS A 50 -21.54 -10.08 17.80
N TYR A 51 -20.82 -9.56 18.79
CA TYR A 51 -20.19 -10.32 19.89
C TYR A 51 -20.57 -9.63 21.19
N GLY A 52 -21.16 -10.39 22.12
CA GLY A 52 -21.58 -9.92 23.45
C GLY A 52 -22.75 -8.95 23.39
N VAL A 53 -23.43 -8.86 22.25
CA VAL A 53 -24.63 -7.98 22.09
C VAL A 53 -25.45 -8.47 20.89
N SER A 54 -26.76 -8.24 20.94
CA SER A 54 -27.72 -8.62 19.87
C SER A 54 -28.02 -7.38 19.02
N PRO A 55 -27.85 -7.44 17.68
CA PRO A 55 -28.02 -6.25 16.86
C PRO A 55 -29.40 -5.58 17.07
N THR A 56 -30.48 -6.36 17.15
CA THR A 56 -31.85 -5.83 17.28
C THR A 56 -32.07 -5.20 18.67
N LYS A 57 -31.28 -5.63 19.67
CA LYS A 57 -31.40 -5.14 21.07
C LYS A 57 -30.62 -3.83 21.24
N LEU A 58 -29.78 -3.47 20.27
CA LEU A 58 -28.88 -2.28 20.37
C LEU A 58 -29.71 -1.00 20.60
N ASN A 59 -30.86 -0.87 19.95
CA ASN A 59 -31.73 0.33 20.07
C ASN A 59 -32.28 0.43 21.50
N ASP A 60 -32.15 -0.64 22.32
CA ASP A 60 -32.61 -0.70 23.72
C ASP A 60 -31.47 -0.41 24.70
N LEU A 61 -30.23 -0.27 24.22
CA LEU A 61 -29.02 -0.16 25.09
C LEU A 61 -28.46 1.26 25.04
N CYS A 62 -27.76 1.66 26.11
CA CYS A 62 -27.05 2.95 26.27
C CYS A 62 -25.58 2.68 26.57
N PHE A 63 -24.69 3.44 25.94
CA PHE A 63 -23.22 3.30 26.09
C PHE A 63 -22.61 4.68 26.36
N THR A 64 -21.44 4.68 26.99
CA THR A 64 -20.64 5.90 27.28
C THR A 64 -20.08 6.44 25.97
N ASN A 65 -19.50 5.53 25.17
CA ASN A 65 -18.86 5.85 23.88
C ASN A 65 -19.08 4.68 22.91
N VAL A 66 -19.15 4.98 21.63
CA VAL A 66 -19.03 3.96 20.56
C VAL A 66 -17.81 4.35 19.72
N TYR A 67 -16.94 3.38 19.43
CA TYR A 67 -15.79 3.58 18.52
C TYR A 67 -16.11 2.86 17.22
N ALA A 68 -15.93 3.56 16.10
CA ALA A 68 -16.12 3.04 14.74
C ALA A 68 -14.76 3.01 14.05
N ASP A 69 -14.21 1.81 13.89
CA ASP A 69 -12.91 1.59 13.20
C ASP A 69 -13.21 1.19 11.76
N SER A 70 -12.50 1.74 10.78
CA SER A 70 -12.85 1.43 9.37
C SER A 70 -11.59 1.34 8.51
N PHE A 71 -11.66 0.49 7.50
CA PHE A 71 -10.53 0.14 6.63
C PHE A 71 -11.01 -0.76 5.51
N VAL A 72 -10.11 -1.03 4.56
CA VAL A 72 -10.35 -1.95 3.43
C VAL A 72 -9.39 -3.15 3.52
N ILE A 73 -9.94 -4.34 3.31
CA ILE A 73 -9.16 -5.61 3.18
C ILE A 73 -9.74 -6.38 2.01
N ARG A 74 -9.14 -7.51 1.66
CA ARG A 74 -9.76 -8.37 0.61
C ARG A 74 -10.85 -9.25 1.23
N GLY A 75 -11.79 -9.67 0.40
CA GLY A 75 -12.96 -10.47 0.81
C GLY A 75 -12.56 -11.67 1.65
N ASP A 76 -11.50 -12.37 1.26
CA ASP A 76 -11.15 -13.66 1.91
C ASP A 76 -10.45 -13.40 3.25
N GLU A 77 -10.25 -12.14 3.63
CA GLU A 77 -9.64 -11.77 4.94
C GLU A 77 -10.69 -11.28 5.93
N VAL A 78 -11.94 -11.06 5.51
CA VAL A 78 -12.99 -10.52 6.43
C VAL A 78 -13.15 -11.48 7.62
N ARG A 79 -12.95 -12.78 7.42
CA ARG A 79 -13.06 -13.81 8.50
C ARG A 79 -12.04 -13.54 9.62
N GLN A 80 -10.95 -12.82 9.34
CA GLN A 80 -9.88 -12.50 10.33
C GLN A 80 -10.32 -11.38 11.27
N ILE A 81 -11.35 -10.60 10.91
CA ILE A 81 -11.84 -9.50 11.77
C ILE A 81 -12.87 -10.09 12.74
N ALA A 82 -12.37 -10.90 13.66
CA ALA A 82 -13.18 -11.65 14.62
C ALA A 82 -12.29 -11.98 15.80
N PRO A 83 -12.83 -12.00 17.04
CA PRO A 83 -12.02 -12.34 18.20
C PRO A 83 -11.37 -13.71 18.01
N GLY A 84 -10.08 -13.79 18.36
CA GLY A 84 -9.33 -15.06 18.44
C GLY A 84 -8.85 -15.56 17.09
N GLN A 85 -9.13 -14.87 15.98
CA GLN A 85 -8.67 -15.33 14.66
C GLN A 85 -7.18 -15.00 14.47
N THR A 86 -6.52 -15.73 13.57
CA THR A 86 -5.09 -15.53 13.22
C THR A 86 -5.00 -15.37 11.71
N GLY A 87 -3.88 -14.82 11.26
CA GLY A 87 -3.63 -14.53 9.84
C GLY A 87 -2.94 -13.19 9.72
N LYS A 88 -2.50 -12.81 8.54
CA LYS A 88 -1.65 -11.61 8.37
C LYS A 88 -2.39 -10.36 8.85
N ILE A 89 -3.71 -10.30 8.64
CA ILE A 89 -4.48 -9.07 9.01
C ILE A 89 -4.65 -9.05 10.54
N ALA A 90 -5.16 -10.12 11.14
CA ALA A 90 -5.36 -10.16 12.61
C ALA A 90 -4.00 -9.98 13.31
N ASP A 91 -2.95 -10.59 12.78
CA ASP A 91 -1.64 -10.62 13.47
C ASP A 91 -0.92 -9.27 13.36
N TYR A 92 -0.88 -8.67 12.17
CA TYR A 92 0.02 -7.53 11.87
C TYR A 92 -0.71 -6.24 11.52
N ASN A 93 -2.04 -6.23 11.39
CA ASN A 93 -2.75 -5.04 10.84
C ASN A 93 -3.85 -4.53 11.76
N TYR A 94 -4.80 -5.38 12.14
CA TYR A 94 -5.97 -4.99 12.96
C TYR A 94 -6.42 -6.19 13.80
N LYS A 95 -6.31 -6.03 15.12
CA LYS A 95 -6.51 -7.12 16.09
C LYS A 95 -7.66 -6.78 17.04
N LEU A 96 -8.69 -7.62 17.05
CA LEU A 96 -9.79 -7.51 18.05
C LEU A 96 -9.35 -8.24 19.31
N PRO A 97 -9.79 -7.75 20.48
CA PRO A 97 -9.56 -8.45 21.75
C PRO A 97 -10.40 -9.72 21.88
N ASP A 98 -9.94 -10.65 22.70
CA ASP A 98 -10.65 -11.92 22.97
C ASP A 98 -12.04 -11.60 23.54
N ASP A 99 -12.15 -10.53 24.34
CA ASP A 99 -13.37 -10.12 25.09
C ASP A 99 -14.16 -9.03 24.35
N PHE A 100 -14.04 -8.96 23.02
CA PHE A 100 -14.70 -7.93 22.19
C PHE A 100 -16.21 -7.90 22.43
N THR A 101 -16.74 -6.71 22.72
CA THR A 101 -18.17 -6.35 22.71
C THR A 101 -18.41 -5.37 21.56
N GLY A 102 -18.99 -5.87 20.48
CA GLY A 102 -19.27 -5.00 19.33
C GLY A 102 -19.70 -5.79 18.13
N CYS A 103 -19.69 -5.10 16.99
CA CYS A 103 -20.20 -5.62 15.72
C CYS A 103 -19.16 -5.38 14.64
N VAL A 104 -19.00 -6.38 13.78
CA VAL A 104 -18.14 -6.32 12.57
C VAL A 104 -19.07 -6.30 11.37
N ILE A 105 -18.96 -5.25 10.57
CA ILE A 105 -19.83 -5.02 9.39
C ILE A 105 -18.94 -4.86 8.16
N ALA A 106 -19.23 -5.58 7.09
CA ALA A 106 -18.44 -5.48 5.85
C ALA A 106 -19.36 -5.53 4.63
N TRP A 107 -18.88 -4.95 3.55
CA TRP A 107 -19.57 -4.97 2.24
C TRP A 107 -18.54 -4.93 1.12
N ASN A 108 -18.92 -5.53 -0.01
CA ASN A 108 -18.08 -5.54 -1.23
C ASN A 108 -18.02 -4.11 -1.77
N SER A 109 -16.82 -3.57 -1.97
CA SER A 109 -16.59 -2.20 -2.49
C SER A 109 -15.89 -2.24 -3.86
N ASN A 110 -16.03 -3.34 -4.60
CA ASN A 110 -15.42 -3.53 -5.95
C ASN A 110 -15.72 -2.32 -6.86
N ASN A 111 -16.93 -1.75 -6.79
CA ASN A 111 -17.38 -0.66 -7.68
CA ASN A 111 -17.36 -0.67 -7.70
C ASN A 111 -16.63 0.64 -7.37
N LEU A 112 -16.17 0.83 -6.13
CA LEU A 112 -15.46 2.08 -5.71
C LEU A 112 -13.95 1.86 -5.66
N ASP A 113 -13.51 0.69 -5.20
CA ASP A 113 -12.13 0.52 -4.71
C ASP A 113 -11.28 -0.29 -5.70
N SER A 114 -11.88 -0.91 -6.71
CA SER A 114 -11.14 -1.58 -7.80
C SER A 114 -11.09 -0.64 -8.99
N LYS A 115 -10.03 -0.72 -9.78
CA LYS A 115 -9.90 0.06 -11.03
C LYS A 115 -9.40 -0.90 -12.10
N VAL A 116 -9.85 -0.71 -13.33
CA VAL A 116 -9.26 -1.40 -14.52
CA VAL A 116 -9.27 -1.40 -14.51
C VAL A 116 -7.76 -1.06 -14.51
N GLY A 117 -6.90 -2.07 -14.61
CA GLY A 117 -5.44 -1.90 -14.55
C GLY A 117 -4.94 -1.98 -13.12
N GLY A 118 -5.85 -1.99 -12.14
CA GLY A 118 -5.50 -2.20 -10.73
C GLY A 118 -5.52 -0.91 -9.94
N ASN A 119 -6.14 -0.95 -8.76
CA ASN A 119 -5.93 0.05 -7.69
C ASN A 119 -4.99 -0.58 -6.67
N TYR A 120 -3.80 0.02 -6.47
CA TYR A 120 -2.75 -0.51 -5.57
C TYR A 120 -2.54 0.40 -4.36
N ASN A 121 -3.44 1.35 -4.13
CA ASN A 121 -3.27 2.38 -3.08
C ASN A 121 -3.59 1.83 -1.68
N TYR A 122 -4.36 0.75 -1.56
CA TYR A 122 -4.63 0.10 -0.27
C TYR A 122 -3.49 -0.86 0.06
N LEU A 123 -2.86 -0.68 1.21
CA LEU A 123 -1.69 -1.49 1.65
C LEU A 123 -2.06 -2.33 2.86
N TYR A 124 -1.26 -3.37 3.09
CA TYR A 124 -1.27 -4.15 4.35
C TYR A 124 0.18 -4.33 4.78
N ARG A 125 0.35 -4.55 6.08
CA ARG A 125 1.67 -4.88 6.67
C ARG A 125 1.89 -6.39 6.51
N LEU A 126 3.00 -6.75 5.87
CA LEU A 126 3.34 -8.16 5.53
C LEU A 126 4.31 -8.71 6.58
N PHE A 127 5.16 -7.86 7.15
CA PHE A 127 6.23 -8.28 8.08
C PHE A 127 6.15 -7.45 9.36
N ARG A 128 6.35 -8.13 10.49
CA ARG A 128 6.41 -7.46 11.82
C ARG A 128 7.10 -8.39 12.81
N LYS A 129 7.81 -7.82 13.77
CA LYS A 129 8.63 -8.58 14.76
C LYS A 129 7.71 -9.35 15.72
N SER A 130 6.48 -8.89 15.92
CA SER A 130 5.51 -9.55 16.84
C SER A 130 4.09 -9.18 16.42
N ASN A 131 3.12 -9.90 16.97
CA ASN A 131 1.68 -9.64 16.71
C ASN A 131 1.26 -8.34 17.39
N LEU A 132 0.37 -7.59 16.75
CA LEU A 132 -0.31 -6.44 17.37
C LEU A 132 -1.05 -6.91 18.63
N LYS A 133 -1.05 -6.06 19.65
CA LYS A 133 -2.02 -6.17 20.76
C LYS A 133 -3.38 -5.71 20.24
N PRO A 134 -4.49 -6.12 20.89
CA PRO A 134 -5.81 -5.63 20.49
C PRO A 134 -5.87 -4.09 20.39
N PHE A 135 -6.42 -3.62 19.27
CA PHE A 135 -6.65 -2.19 18.93
C PHE A 135 -5.33 -1.42 18.87
N GLU A 136 -4.20 -2.10 18.72
CA GLU A 136 -2.91 -1.45 18.40
C GLU A 136 -2.91 -1.05 16.92
N ARG A 137 -2.24 0.05 16.60
CA ARG A 137 -2.08 0.56 15.23
C ARG A 137 -0.59 0.77 15.00
N ASP A 138 -0.04 0.20 13.94
CA ASP A 138 1.39 0.37 13.56
C ASP A 138 1.43 0.99 12.17
N ILE A 139 1.88 2.24 12.05
CA ILE A 139 2.01 2.94 10.73
C ILE A 139 3.50 3.15 10.39
N SER A 140 4.40 2.44 11.06
CA SER A 140 5.85 2.58 10.82
CA SER A 140 5.87 2.51 10.84
C SER A 140 6.23 1.97 9.46
N THR A 141 7.31 2.45 8.85
CA THR A 141 7.82 1.91 7.57
C THR A 141 9.30 1.57 7.71
N GLU A 142 9.70 1.09 8.89
CA GLU A 142 11.11 0.69 9.14
C GLU A 142 11.39 -0.57 8.32
N ILE A 143 12.60 -0.69 7.78
CA ILE A 143 13.02 -1.92 7.07
C ILE A 143 13.06 -3.08 8.08
N TYR A 144 12.44 -4.19 7.67
CA TYR A 144 12.23 -5.37 8.53
C TYR A 144 13.42 -6.32 8.41
N GLN A 145 14.04 -6.63 9.55
CA GLN A 145 15.19 -7.56 9.59
C GLN A 145 14.66 -9.00 9.68
N ALA A 146 14.69 -9.73 8.56
CA ALA A 146 14.20 -11.12 8.45
C ALA A 146 15.30 -12.12 8.82
N GLY A 147 16.57 -11.69 8.86
CA GLY A 147 17.74 -12.56 9.12
C GLY A 147 18.58 -12.06 10.28
N SER A 148 19.84 -12.51 10.37
CA SER A 148 20.74 -12.25 11.53
C SER A 148 21.45 -10.90 11.37
N THR A 149 21.59 -10.37 10.15
CA THR A 149 22.36 -9.13 9.88
C THR A 149 21.44 -7.92 9.94
N PRO A 150 21.80 -6.88 10.74
CA PRO A 150 21.07 -5.62 10.76
C PRO A 150 20.94 -5.01 9.35
N CYS A 151 19.81 -4.33 9.10
CA CYS A 151 19.51 -3.73 7.78
CA CYS A 151 19.49 -3.72 7.78
C CYS A 151 20.10 -2.32 7.69
N ASN A 152 20.18 -1.59 8.82
CA ASN A 152 20.67 -0.19 8.84
C ASN A 152 19.86 0.64 7.83
N GLY A 153 18.56 0.34 7.67
CA GLY A 153 17.61 1.12 6.85
C GLY A 153 17.77 0.84 5.36
N VAL A 154 18.51 -0.21 5.01
CA VAL A 154 18.81 -0.54 3.59
C VAL A 154 18.15 -1.88 3.24
N GLU A 155 17.31 -1.89 2.21
CA GLU A 155 16.66 -3.13 1.75
C GLU A 155 17.70 -4.01 1.05
N GLY A 156 17.47 -5.32 1.11
CA GLY A 156 18.34 -6.32 0.48
C GLY A 156 17.99 -7.71 0.94
N PHE A 157 18.98 -8.61 0.91
CA PHE A 157 18.86 -10.01 1.41
C PHE A 157 18.32 -9.95 2.84
N ASN A 158 17.12 -10.50 3.06
CA ASN A 158 16.47 -10.65 4.38
C ASN A 158 16.25 -9.28 5.04
N CYS A 159 16.16 -8.21 4.24
CA CYS A 159 15.87 -6.83 4.71
CA CYS A 159 15.85 -6.84 4.72
C CYS A 159 14.77 -6.23 3.83
N TYR A 160 13.54 -6.21 4.33
CA TYR A 160 12.34 -5.98 3.50
C TYR A 160 11.60 -4.71 3.90
N PHE A 161 11.00 -4.07 2.90
CA PHE A 161 10.00 -3.01 3.14
C PHE A 161 8.78 -3.71 3.74
N PRO A 162 8.22 -3.22 4.86
CA PRO A 162 7.20 -4.00 5.58
C PRO A 162 5.77 -3.98 5.03
N LEU A 163 5.44 -3.03 4.15
CA LEU A 163 4.08 -2.89 3.58
C LEU A 163 4.05 -3.40 2.15
N GLN A 164 2.86 -3.79 1.69
CA GLN A 164 2.64 -4.29 0.33
C GLN A 164 1.23 -3.90 -0.13
N SER A 165 1.12 -3.57 -1.41
CA SER A 165 -0.17 -3.25 -2.07
C SER A 165 -1.05 -4.49 -2.17
N TYR A 166 -2.33 -4.33 -1.86
CA TYR A 166 -3.41 -5.09 -2.53
C TYR A 166 -3.49 -4.62 -3.98
N GLY A 167 -3.71 -5.54 -4.91
CA GLY A 167 -3.95 -5.23 -6.33
C GLY A 167 -5.42 -5.47 -6.67
N PHE A 168 -6.27 -4.45 -6.47
CA PHE A 168 -7.72 -4.59 -6.66
C PHE A 168 -8.10 -4.24 -8.11
N GLN A 169 -8.50 -5.27 -8.85
CA GLN A 169 -9.01 -5.16 -10.25
C GLN A 169 -10.43 -5.67 -10.23
N PRO A 170 -11.35 -5.05 -11.01
CA PRO A 170 -12.77 -5.42 -10.94
C PRO A 170 -13.08 -6.86 -11.40
N THR A 171 -12.17 -7.46 -12.17
CA THR A 171 -12.26 -8.85 -12.69
C THR A 171 -11.67 -9.87 -11.69
N ASN A 172 -11.10 -9.43 -10.56
CA ASN A 172 -10.64 -10.36 -9.50
C ASN A 172 -11.81 -11.23 -9.03
N GLY A 173 -11.52 -12.45 -8.56
CA GLY A 173 -12.47 -13.27 -7.80
C GLY A 173 -12.91 -12.51 -6.55
N VAL A 174 -14.12 -12.78 -6.06
CA VAL A 174 -14.72 -12.08 -4.88
CA VAL A 174 -14.68 -11.99 -4.91
C VAL A 174 -13.73 -12.11 -3.70
N GLY A 175 -13.00 -13.21 -3.56
CA GLY A 175 -12.02 -13.38 -2.47
C GLY A 175 -10.92 -12.33 -2.53
N TYR A 176 -10.59 -11.84 -3.72
CA TYR A 176 -9.56 -10.77 -3.91
C TYR A 176 -10.23 -9.47 -4.37
N GLN A 177 -11.52 -9.29 -4.06
CA GLN A 177 -12.17 -7.98 -4.26
C GLN A 177 -12.05 -7.21 -2.96
N PRO A 178 -12.06 -5.87 -3.03
CA PRO A 178 -11.99 -5.04 -1.83
C PRO A 178 -13.32 -5.09 -1.09
N TYR A 179 -13.22 -5.21 0.24
CA TYR A 179 -14.35 -5.07 1.19
C TYR A 179 -14.04 -3.91 2.12
N ARG A 180 -15.03 -3.05 2.29
CA ARG A 180 -15.02 -2.00 3.33
C ARG A 180 -15.55 -2.63 4.61
N VAL A 181 -14.85 -2.35 5.69
CA VAL A 181 -15.12 -2.93 7.03
C VAL A 181 -15.32 -1.79 8.00
N VAL A 182 -16.38 -1.88 8.81
CA VAL A 182 -16.57 -1.02 10.00
C VAL A 182 -16.72 -1.93 11.22
N VAL A 183 -15.89 -1.68 12.22
CA VAL A 183 -15.98 -2.38 13.52
C VAL A 183 -16.55 -1.39 14.51
N LEU A 184 -17.70 -1.70 15.11
CA LEU A 184 -18.27 -0.88 16.20
C LEU A 184 -17.92 -1.53 17.53
N SER A 185 -17.26 -0.77 18.41
CA SER A 185 -16.93 -1.14 19.80
C SER A 185 -17.86 -0.35 20.73
N PHE A 186 -18.51 -1.04 21.66
CA PHE A 186 -19.49 -0.43 22.60
C PHE A 186 -18.86 -0.41 23.99
N GLU A 187 -18.65 0.79 24.52
CA GLU A 187 -17.95 1.03 25.80
C GLU A 187 -18.95 1.52 26.85
N LEU A 188 -19.05 0.80 27.97
CA LEU A 188 -19.83 1.21 29.16
C LEU A 188 -18.83 1.44 30.31
N LEU A 189 -18.65 2.70 30.71
CA LEU A 189 -17.82 3.11 31.87
C LEU A 189 -18.75 3.69 32.95
N HIS A 190 -18.22 3.96 34.15
CA HIS A 190 -18.90 4.77 35.19
C HIS A 190 -18.90 6.24 34.76
N ALA A 191 -19.88 6.60 33.92
CA ALA A 191 -20.11 7.98 33.44
C ALA A 191 -21.52 8.04 32.87
N PRO A 192 -22.06 9.24 32.54
CA PRO A 192 -23.33 9.33 31.82
C PRO A 192 -23.21 8.55 30.51
N ALA A 193 -24.16 7.65 30.23
CA ALA A 193 -24.26 6.88 28.96
C ALA A 193 -24.82 7.82 27.89
N THR A 194 -23.93 8.33 27.01
CA THR A 194 -24.18 9.48 26.11
C THR A 194 -24.64 9.02 24.73
N VAL A 195 -24.61 7.72 24.44
CA VAL A 195 -25.08 7.14 23.14
C VAL A 195 -26.19 6.13 23.41
N CYS A 196 -27.43 6.52 23.14
CA CYS A 196 -28.64 5.69 23.41
C CYS A 196 -29.41 5.49 22.10
N GLY A 197 -30.16 4.39 22.03
CA GLY A 197 -31.16 4.16 20.97
C GLY A 197 -32.29 5.19 21.06
N PRO A 198 -33.24 5.20 20.10
CA PRO A 198 -34.39 6.11 20.16
C PRO A 198 -35.39 5.63 21.21
N GLN B 1 -1.69 14.31 -17.22
CA GLN B 1 -1.65 14.16 -15.72
C GLN B 1 -0.22 13.84 -15.28
N VAL B 2 0.21 12.59 -15.45
CA VAL B 2 1.55 12.14 -15.01
C VAL B 2 2.48 12.15 -16.22
N GLN B 3 3.62 12.83 -16.10
CA GLN B 3 4.63 12.91 -17.17
C GLN B 3 6.00 12.56 -16.57
N LEU B 4 6.71 11.66 -17.24
CA LEU B 4 8.14 11.34 -16.99
C LEU B 4 8.94 11.89 -18.16
N VAL B 5 9.79 12.89 -17.92
CA VAL B 5 10.55 13.59 -18.98
C VAL B 5 12.05 13.33 -18.79
N GLU B 6 12.64 12.58 -19.71
CA GLU B 6 14.07 12.21 -19.67
C GLU B 6 14.91 13.33 -20.27
N SER B 7 16.11 13.53 -19.73
CA SER B 7 17.16 14.36 -20.35
C SER B 7 18.50 13.67 -20.17
N GLY B 8 19.47 14.06 -21.00
CA GLY B 8 20.83 13.52 -20.98
C GLY B 8 20.97 12.39 -21.99
N GLY B 9 22.03 11.61 -21.86
CA GLY B 9 22.32 10.49 -22.76
C GLY B 9 23.06 10.95 -24.00
N GLY B 10 22.95 10.19 -25.08
CA GLY B 10 23.60 10.43 -26.37
C GLY B 10 24.88 9.65 -26.50
N LEU B 11 25.91 10.25 -27.08
CA LEU B 11 27.15 9.56 -27.50
C LEU B 11 28.21 9.72 -26.41
N MET B 12 28.92 8.63 -26.12
CA MET B 12 30.10 8.64 -25.21
C MET B 12 31.05 7.51 -25.61
N GLN B 13 32.34 7.76 -25.44
CA GLN B 13 33.38 6.74 -25.68
C GLN B 13 33.30 5.66 -24.59
N ALA B 14 33.63 4.43 -24.95
CA ALA B 14 33.73 3.28 -24.02
C ALA B 14 34.66 3.67 -22.86
N GLY B 15 34.27 3.28 -21.65
CA GLY B 15 35.00 3.59 -20.40
C GLY B 15 34.60 4.94 -19.82
N GLY B 16 33.87 5.76 -20.58
CA GLY B 16 33.38 7.07 -20.15
C GLY B 16 32.08 6.97 -19.38
N SER B 17 31.47 8.12 -19.12
CA SER B 17 30.28 8.27 -18.25
C SER B 17 29.19 9.08 -18.95
N LEU B 18 27.95 8.75 -18.65
CA LEU B 18 26.77 9.55 -19.00
C LEU B 18 25.88 9.60 -17.75
N ARG B 19 24.99 10.59 -17.70
CA ARG B 19 24.01 10.69 -16.60
C ARG B 19 22.66 10.99 -17.22
N LEU B 20 21.68 10.12 -16.95
CA LEU B 20 20.28 10.31 -17.38
C LEU B 20 19.51 10.91 -16.22
N SER B 21 18.62 11.83 -16.52
CA SER B 21 17.70 12.46 -15.54
C SER B 21 16.28 12.18 -16.00
N CYS B 22 15.36 12.03 -15.07
CA CYS B 22 13.94 11.84 -15.39
C CYS B 22 13.11 12.65 -14.40
N ALA B 23 12.53 13.75 -14.87
CA ALA B 23 11.74 14.69 -14.06
C ALA B 23 10.28 14.24 -14.10
N VAL B 24 9.69 14.03 -12.93
CA VAL B 24 8.28 13.58 -12.79
C VAL B 24 7.39 14.77 -12.48
N SER B 25 6.28 14.90 -13.20
CA SER B 25 5.21 15.87 -12.88
C SER B 25 3.89 15.12 -12.71
N GLY B 26 3.07 15.56 -11.75
CA GLY B 26 1.68 15.09 -11.61
C GLY B 26 1.52 13.90 -10.68
N ARG B 27 2.61 13.45 -10.05
CA ARG B 27 2.59 12.30 -9.11
C ARG B 27 3.88 12.30 -8.30
N THR B 28 3.85 11.72 -7.10
CA THR B 28 5.04 11.28 -6.35
C THR B 28 4.89 9.77 -6.13
N PHE B 29 6.00 9.02 -6.02
CA PHE B 29 5.95 7.54 -6.06
C PHE B 29 5.96 6.94 -4.65
N SER B 30 5.96 7.75 -3.60
CA SER B 30 5.76 7.36 -2.18
C SER B 30 6.43 6.01 -1.88
N THR B 31 5.67 4.99 -1.51
CA THR B 31 6.19 3.70 -1.00
C THR B 31 6.49 2.73 -2.15
N ALA B 32 6.26 3.16 -3.39
CA ALA B 32 6.54 2.32 -4.57
C ALA B 32 7.94 2.65 -5.08
N ALA B 33 8.17 2.56 -6.38
CA ALA B 33 9.52 2.66 -6.94
C ALA B 33 9.50 3.34 -8.31
N MET B 34 10.65 3.90 -8.67
CA MET B 34 11.00 4.32 -10.04
CA MET B 34 10.94 4.26 -10.07
C MET B 34 12.09 3.38 -10.55
N GLY B 35 12.25 3.27 -11.85
CA GLY B 35 13.29 2.40 -12.41
C GLY B 35 13.77 2.89 -13.75
N TRP B 36 14.80 2.23 -14.25
CA TRP B 36 15.34 2.42 -15.60
C TRP B 36 15.31 1.08 -16.31
N PHE B 37 14.98 1.13 -17.59
CA PHE B 37 14.96 -0.02 -18.52
C PHE B 37 15.75 0.39 -19.74
N ARG B 38 16.14 -0.61 -20.53
CA ARG B 38 16.81 -0.30 -21.82
C ARG B 38 16.38 -1.33 -22.85
N GLN B 39 16.41 -0.91 -24.11
CA GLN B 39 16.02 -1.79 -25.22
C GLN B 39 17.01 -1.59 -26.35
N ALA B 40 17.77 -2.62 -26.65
CA ALA B 40 18.69 -2.64 -27.81
C ALA B 40 17.94 -3.24 -28.99
N PRO B 41 18.37 -2.96 -30.24
CA PRO B 41 17.70 -3.52 -31.41
C PRO B 41 17.59 -5.04 -31.36
N GLY B 42 16.39 -5.52 -31.72
CA GLY B 42 16.07 -6.95 -31.79
C GLY B 42 15.84 -7.58 -30.42
N LYS B 43 16.01 -6.81 -29.34
CA LYS B 43 15.93 -7.37 -27.97
C LYS B 43 14.69 -6.86 -27.25
N GLU B 44 14.25 -7.64 -26.26
CA GLU B 44 13.17 -7.26 -25.33
C GLU B 44 13.67 -6.12 -24.46
N ARG B 45 12.78 -5.21 -24.07
CA ARG B 45 13.08 -4.14 -23.09
C ARG B 45 13.50 -4.82 -21.79
N GLU B 46 14.66 -4.48 -21.23
CA GLU B 46 15.22 -5.17 -20.05
C GLU B 46 15.41 -4.21 -18.88
N PHE B 47 15.16 -4.73 -17.69
CA PHE B 47 15.34 -4.04 -16.40
C PHE B 47 16.81 -3.67 -16.23
N VAL B 48 17.05 -2.43 -15.77
CA VAL B 48 18.41 -1.93 -15.43
C VAL B 48 18.51 -1.71 -13.91
N ALA B 49 17.62 -0.92 -13.31
CA ALA B 49 17.73 -0.55 -11.89
C ALA B 49 16.37 -0.04 -11.39
N ALA B 50 16.13 -0.21 -10.09
CA ALA B 50 14.93 0.32 -9.42
C ALA B 50 15.36 0.99 -8.12
N ILE B 51 14.56 1.95 -7.67
CA ILE B 51 14.80 2.63 -6.38
C ILE B 51 13.46 2.80 -5.65
N ARG B 52 13.44 2.43 -4.38
CA ARG B 52 12.32 2.70 -3.46
C ARG B 52 12.22 4.21 -3.31
N TRP B 53 11.08 4.79 -3.64
CA TRP B 53 11.00 6.27 -3.68
C TRP B 53 11.18 6.83 -2.27
N SER B 54 10.46 6.30 -1.28
CA SER B 54 10.47 6.86 0.09
C SER B 54 11.87 6.69 0.72
N GLY B 55 12.38 5.47 0.78
CA GLY B 55 13.62 5.16 1.55
C GLY B 55 14.89 5.19 0.72
N GLY B 56 14.81 5.05 -0.61
CA GLY B 56 15.96 5.23 -1.51
C GLY B 56 16.82 3.98 -1.70
N SER B 57 16.43 2.82 -1.18
CA SER B 57 17.16 1.55 -1.43
C SER B 57 17.12 1.24 -2.93
N ALA B 58 18.20 0.70 -3.47
CA ALA B 58 18.36 0.43 -4.92
C ALA B 58 18.51 -1.06 -5.18
N TYR B 59 18.02 -1.49 -6.35
CA TYR B 59 18.12 -2.86 -6.86
C TYR B 59 18.63 -2.80 -8.30
N TYR B 60 19.60 -3.63 -8.65
CA TYR B 60 20.31 -3.56 -9.95
C TYR B 60 20.26 -4.89 -10.68
N ALA B 61 20.12 -4.81 -12.01
CA ALA B 61 20.44 -5.93 -12.92
C ALA B 61 21.93 -6.28 -12.74
N ASP B 62 22.24 -7.58 -12.76
CA ASP B 62 23.64 -8.05 -12.62
C ASP B 62 24.54 -7.38 -13.66
N SER B 63 24.02 -7.13 -14.87
CA SER B 63 24.80 -6.63 -16.04
C SER B 63 25.35 -5.21 -15.80
N VAL B 64 24.86 -4.46 -14.80
CA VAL B 64 25.30 -3.06 -14.58
C VAL B 64 25.87 -2.86 -13.16
N LYS B 65 25.96 -3.91 -12.34
CA LYS B 65 26.49 -3.77 -10.96
C LYS B 65 27.95 -3.29 -11.01
N GLY B 66 28.29 -2.35 -10.12
CA GLY B 66 29.63 -1.74 -10.04
C GLY B 66 29.87 -0.69 -11.12
N ARG B 67 28.88 -0.40 -11.97
CA ARG B 67 29.05 0.57 -13.08
C ARG B 67 27.95 1.64 -13.03
N PHE B 68 26.70 1.24 -12.88
CA PHE B 68 25.56 2.17 -12.90
C PHE B 68 25.05 2.39 -11.48
N THR B 69 24.58 3.60 -11.20
CA THR B 69 23.98 3.97 -9.90
C THR B 69 22.66 4.67 -10.15
N ILE B 70 21.59 4.19 -9.54
CA ILE B 70 20.28 4.88 -9.55
C ILE B 70 20.17 5.72 -8.27
N SER B 71 19.64 6.92 -8.39
CA SER B 71 19.46 7.83 -7.24
C SER B 71 18.23 8.69 -7.51
N ARG B 72 17.73 9.38 -6.50
CA ARG B 72 16.56 10.26 -6.71
C ARG B 72 16.64 11.44 -5.75
N ASP B 73 16.06 12.55 -6.17
CA ASP B 73 15.94 13.81 -5.39
C ASP B 73 14.46 14.08 -5.21
N LYS B 74 13.94 13.87 -3.99
CA LYS B 74 12.50 14.04 -3.71
C LYS B 74 12.08 15.48 -3.98
N ALA B 75 12.89 16.46 -3.57
CA ALA B 75 12.57 17.90 -3.69
C ALA B 75 12.39 18.27 -5.17
N LYS B 76 13.21 17.71 -6.06
CA LYS B 76 13.15 17.97 -7.52
C LYS B 76 12.22 16.95 -8.21
N ASN B 77 11.71 15.97 -7.46
CA ASN B 77 10.85 14.87 -7.99
C ASN B 77 11.51 14.27 -9.23
N THR B 78 12.80 13.96 -9.13
CA THR B 78 13.64 13.52 -10.27
C THR B 78 14.39 12.25 -9.88
N VAL B 79 14.47 11.31 -10.84
CA VAL B 79 15.29 10.08 -10.69
C VAL B 79 16.44 10.16 -11.70
N TYR B 80 17.57 9.58 -11.33
CA TYR B 80 18.83 9.69 -12.09
C TYR B 80 19.39 8.29 -12.34
N LEU B 81 20.08 8.14 -13.46
CA LEU B 81 20.95 6.96 -13.72
C LEU B 81 22.34 7.48 -14.08
N GLN B 82 23.29 7.26 -13.18
CA GLN B 82 24.73 7.53 -13.42
C GLN B 82 25.32 6.31 -14.10
N MET B 83 25.81 6.47 -15.32
CA MET B 83 26.28 5.36 -16.16
C MET B 83 27.78 5.52 -16.32
N ASN B 84 28.56 4.82 -15.49
CA ASN B 84 30.03 4.88 -15.55
C ASN B 84 30.55 3.62 -16.25
N SER B 85 31.82 3.65 -16.65
CA SER B 85 32.51 2.46 -17.20
C SER B 85 31.70 1.90 -18.36
N LEU B 86 31.27 2.78 -19.27
CA LEU B 86 30.37 2.40 -20.37
C LEU B 86 31.00 1.33 -21.25
N LYS B 87 30.17 0.36 -21.64
CA LYS B 87 30.53 -0.77 -22.53
C LYS B 87 29.79 -0.62 -23.86
N TYR B 88 30.36 -1.13 -24.95
CA TYR B 88 29.71 -1.08 -26.28
C TYR B 88 28.29 -1.65 -26.17
N GLU B 89 28.12 -2.73 -25.41
CA GLU B 89 26.82 -3.44 -25.33
C GLU B 89 25.84 -2.68 -24.44
N ASP B 90 26.24 -1.55 -23.85
CA ASP B 90 25.30 -0.65 -23.12
C ASP B 90 24.50 0.19 -24.13
N THR B 91 24.91 0.22 -25.40
CA THR B 91 24.16 0.97 -26.46
C THR B 91 22.71 0.46 -26.49
N ALA B 92 21.74 1.38 -26.36
CA ALA B 92 20.31 1.03 -26.26
C ALA B 92 19.49 2.30 -26.12
N VAL B 93 18.18 2.18 -26.26
CA VAL B 93 17.25 3.25 -25.85
C VAL B 93 16.92 3.01 -24.39
N TYR B 94 17.23 3.99 -23.53
CA TYR B 94 16.96 3.94 -22.08
C TYR B 94 15.63 4.61 -21.79
N TYR B 95 14.84 3.98 -20.92
CA TYR B 95 13.54 4.50 -20.48
C TYR B 95 13.49 4.62 -18.96
N CYS B 96 13.05 5.77 -18.46
CA CYS B 96 12.65 5.83 -17.03
CA CYS B 96 12.60 5.97 -17.07
C CYS B 96 11.20 5.34 -16.92
N ALA B 97 10.89 4.78 -15.76
CA ALA B 97 9.59 4.15 -15.52
C ALA B 97 9.16 4.37 -14.07
N GLY B 98 7.86 4.45 -13.85
CA GLY B 98 7.30 4.58 -12.50
C GLY B 98 6.32 3.46 -12.22
N SER B 99 6.36 2.90 -11.02
CA SER B 99 5.43 1.84 -10.58
C SER B 99 4.38 2.42 -9.63
N LYS B 100 3.13 1.99 -9.79
CA LYS B 100 1.99 2.31 -8.89
C LYS B 100 2.00 1.38 -7.67
N ILE B 101 2.83 0.33 -7.71
CA ILE B 101 2.65 -0.88 -6.84
C ILE B 101 3.69 -0.85 -5.73
N THR B 102 3.24 -0.97 -4.48
CA THR B 102 4.17 -1.13 -3.33
C THR B 102 4.42 -2.63 -3.14
N ARG B 103 5.65 -3.08 -3.38
CA ARG B 103 6.08 -4.48 -3.16
C ARG B 103 7.08 -4.50 -2.01
N SER B 104 6.92 -5.47 -1.11
CA SER B 104 7.80 -5.63 0.08
CA SER B 104 7.81 -5.60 0.08
C SER B 104 9.23 -5.92 -0.35
N LEU B 105 9.41 -6.86 -1.29
CA LEU B 105 10.75 -7.25 -1.77
C LEU B 105 11.13 -6.34 -2.93
N LEU B 106 12.20 -5.55 -2.76
CA LEU B 106 12.65 -4.58 -3.79
C LEU B 106 12.95 -5.33 -5.09
N SER B 107 13.40 -6.58 -5.02
CA SER B 107 13.74 -7.39 -6.22
C SER B 107 12.49 -7.58 -7.11
N ASP B 108 11.28 -7.46 -6.55
CA ASP B 108 10.04 -7.59 -7.35
C ASP B 108 10.00 -6.52 -8.45
N TYR B 109 10.67 -5.39 -8.28
CA TYR B 109 10.61 -4.29 -9.26
C TYR B 109 11.39 -4.67 -10.52
N ALA B 110 12.12 -5.79 -10.53
CA ALA B 110 12.77 -6.31 -11.75
C ALA B 110 11.72 -6.97 -12.66
N THR B 111 10.57 -7.40 -12.13
CA THR B 111 9.61 -8.24 -12.90
C THR B 111 8.18 -7.68 -12.88
N TRP B 112 7.78 -6.95 -11.84
CA TRP B 112 6.42 -6.40 -11.75
C TRP B 112 6.24 -5.26 -12.75
N PRO B 113 4.98 -4.99 -13.16
CA PRO B 113 4.71 -4.00 -14.20
C PRO B 113 4.83 -2.54 -13.75
N TYR B 114 5.26 -1.69 -14.68
CA TYR B 114 5.34 -0.22 -14.52
C TYR B 114 4.28 0.43 -15.42
N ASP B 115 3.51 1.34 -14.85
CA ASP B 115 2.35 1.99 -15.52
C ASP B 115 2.77 3.30 -16.17
N TYR B 116 3.92 3.87 -15.80
CA TYR B 116 4.38 5.20 -16.29
C TYR B 116 5.75 5.05 -16.94
N TRP B 117 5.92 5.68 -18.11
CA TRP B 117 7.12 5.55 -18.95
C TRP B 117 7.55 6.92 -19.48
N GLY B 118 8.86 7.15 -19.45
CA GLY B 118 9.49 8.24 -20.20
C GLY B 118 9.47 7.99 -21.70
N GLN B 119 9.95 8.96 -22.47
CA GLN B 119 9.88 8.98 -23.95
C GLN B 119 10.92 8.03 -24.57
N GLY B 120 11.97 7.70 -23.82
CA GLY B 120 13.11 6.93 -24.34
C GLY B 120 14.23 7.86 -24.76
N THR B 121 15.46 7.50 -24.39
CA THR B 121 16.67 8.30 -24.68
C THR B 121 17.74 7.38 -25.26
N GLN B 122 18.22 7.69 -26.46
CA GLN B 122 19.30 6.91 -27.10
C GLN B 122 20.61 7.13 -26.31
N VAL B 123 21.27 6.03 -25.99
CA VAL B 123 22.66 6.03 -25.49
C VAL B 123 23.48 5.24 -26.50
N THR B 124 24.58 5.82 -26.97
CA THR B 124 25.47 5.15 -27.95
C THR B 124 26.90 5.18 -27.41
N VAL B 125 27.51 4.00 -27.30
CA VAL B 125 28.89 3.86 -26.77
C VAL B 125 29.83 3.55 -27.93
N SER B 126 30.83 4.41 -28.11
CA SER B 126 31.71 4.37 -29.30
C SER B 126 33.15 4.04 -28.90
N SER B 127 33.89 3.52 -29.87
CA SER B 127 35.33 3.22 -29.72
C SER B 127 36.17 4.49 -29.96
N LYS B 128 37.28 4.61 -29.22
CA LYS B 128 38.43 5.52 -29.46
C LYS B 128 38.04 6.63 -30.44
C1 NAG C . -25.38 5.56 3.58
C2 NAG C . -26.35 5.50 4.72
C3 NAG C . -27.57 4.68 4.28
C4 NAG C . -28.19 5.26 3.01
C5 NAG C . -27.13 5.40 1.94
C6 NAG C . -27.66 6.09 0.68
C7 NAG C . -25.82 5.30 7.09
C8 NAG C . -25.26 4.41 8.16
N2 NAG C . -25.72 4.83 5.85
O3 NAG C . -28.48 4.63 5.39
O4 NAG C . -29.20 4.38 2.51
O5 NAG C . -26.04 6.17 2.46
O6 NAG C . -28.02 7.44 1.00
O7 NAG C . -26.35 6.37 7.35
C1 GOL D . -5.40 2.70 19.15
O1 GOL D . -6.44 1.99 19.83
C2 GOL D . -5.79 4.15 18.92
O2 GOL D . -4.61 4.92 18.67
C3 GOL D . -6.77 4.32 17.78
O3 GOL D . -6.77 5.65 17.27
#